data_2DCB
#
_entry.id   2DCB
#
_cell.length_a   72.440
_cell.length_b   72.440
_cell.length_c   140.000
_cell.angle_alpha   90.00
_cell.angle_beta   90.00
_cell.angle_gamma   90.00
#
_symmetry.space_group_name_H-M   'P 43 21 2'
#
loop_
_entity.id
_entity.type
_entity.pdbx_description
1 polymer 'CATHEPSIN B'
2 non-polymer 'PHOSPHATE ION'
3 non-polymer N-{[(2S,3S)-3-(ETHOXYCARBONYL)OXIRAN-2-YL]CARBONYL}-L-ISOLEUCYL-L-ISOLEUCINE
4 non-polymer GLYCEROL
5 water water
#
_entity_poly.entity_id   1
_entity_poly.type   'polypeptide(L)'
_entity_poly.pdbx_seq_one_letter_code
;LPESFDAREQWPNCPTIKEIRDQGSCGSCWAFGAVEAISDRICIHSNGRVNVEVSAEDMLTCCGGECGDGCNGGFPSGAW
NFWTKKGLVSGGLYNSHVGCRPYSIPPCEHHVNGSRPPCTGEGDTPKCSKTCEPGYSPSYKEDKHFGCSSYSVANNEKEI
MAEIYKNGPVEGAFSVYSDFLLYKSGVYQHVSGEIMGGHAIRILGWGVENGTPYWLVGNSWNTDWGDNGFFKILRGQDHC
GIESEIVAGMPCTHQY
;
_entity_poly.pdbx_strand_id   A
#
# COMPACT_ATOMS: atom_id res chain seq x y z
N LEU A 1 -6.34 -15.34 19.01
CA LEU A 1 -5.67 -15.12 17.69
C LEU A 1 -4.59 -16.15 17.42
N PRO A 2 -4.45 -16.59 16.17
CA PRO A 2 -3.44 -17.58 15.79
C PRO A 2 -2.03 -17.02 15.91
N GLU A 3 -1.05 -17.92 15.99
CA GLU A 3 0.36 -17.54 16.11
C GLU A 3 0.84 -16.88 14.82
N SER A 4 0.26 -17.30 13.69
CA SER A 4 0.62 -16.75 12.39
C SER A 4 -0.64 -16.49 11.60
N PHE A 5 -0.54 -15.60 10.61
CA PHE A 5 -1.69 -15.28 9.76
C PHE A 5 -1.19 -14.62 8.48
N ASP A 6 -1.66 -15.15 7.36
CA ASP A 6 -1.27 -14.63 6.04
C ASP A 6 -2.55 -14.39 5.26
N ALA A 7 -2.90 -13.12 5.06
CA ALA A 7 -4.11 -12.76 4.33
C ALA A 7 -4.17 -13.40 2.95
N ARG A 8 -3.00 -13.67 2.37
CA ARG A 8 -2.94 -14.28 1.05
C ARG A 8 -3.55 -15.68 1.06
N GLU A 9 -3.29 -16.44 2.11
CA GLU A 9 -3.81 -17.79 2.23
C GLU A 9 -5.24 -17.83 2.78
N GLN A 10 -5.57 -16.87 3.64
CA GLN A 10 -6.89 -16.80 4.24
C GLN A 10 -8.00 -16.34 3.29
N TRP A 11 -7.65 -15.55 2.29
CA TRP A 11 -8.62 -15.08 1.31
C TRP A 11 -8.11 -15.39 -0.09
N PRO A 12 -8.14 -16.67 -0.48
CA PRO A 12 -7.70 -17.17 -1.80
C PRO A 12 -8.41 -16.54 -2.99
N ASN A 13 -9.62 -16.04 -2.76
CA ASN A 13 -10.39 -15.44 -3.85
C ASN A 13 -10.07 -13.97 -4.10
N CYS A 14 -9.07 -13.45 -3.40
CA CYS A 14 -8.68 -12.06 -3.54
C CYS A 14 -7.20 -11.97 -3.93
N PRO A 15 -6.90 -12.15 -5.22
CA PRO A 15 -5.52 -12.09 -5.70
C PRO A 15 -4.77 -10.77 -5.50
N THR A 16 -5.48 -9.66 -5.31
CA THR A 16 -4.77 -8.39 -5.12
C THR A 16 -3.93 -8.48 -3.85
N ILE A 17 -4.34 -9.31 -2.90
CA ILE A 17 -3.61 -9.44 -1.66
C ILE A 17 -2.19 -9.95 -1.89
N LYS A 18 -1.99 -10.72 -2.96
CA LYS A 18 -0.69 -11.27 -3.30
C LYS A 18 0.14 -10.36 -4.18
N GLU A 19 -0.50 -9.32 -4.74
CA GLU A 19 0.18 -8.40 -5.65
C GLU A 19 1.15 -7.42 -5.01
N ILE A 20 2.17 -7.07 -5.77
CA ILE A 20 3.19 -6.10 -5.35
C ILE A 20 3.23 -5.07 -6.48
N ARG A 21 3.10 -3.79 -6.14
CA ARG A 21 3.12 -2.74 -7.14
C ARG A 21 4.44 -1.96 -7.12
N ASP A 22 4.56 -0.98 -8.01
CA ASP A 22 5.76 -0.16 -8.10
C ASP A 22 5.34 1.31 -8.18
N GLN A 23 5.67 2.06 -7.13
CA GLN A 23 5.32 3.47 -7.05
C GLN A 23 6.14 4.33 -8.00
N GLY A 24 7.19 3.74 -8.58
CA GLY A 24 8.03 4.48 -9.50
C GLY A 24 8.87 5.56 -8.84
N SER A 25 9.39 6.49 -9.64
CA SER A 25 10.20 7.59 -9.13
C SER A 25 9.27 8.69 -8.64
N CYS A 26 8.59 8.41 -7.54
CA CYS A 26 7.63 9.34 -6.95
C CYS A 26 7.36 8.90 -5.51
N GLY A 27 7.35 9.85 -4.59
CA GLY A 27 7.10 9.53 -3.19
C GLY A 27 5.63 9.36 -2.89
N SER A 28 5.01 8.40 -3.57
CA SER A 28 3.58 8.15 -3.40
C SER A 28 3.23 6.91 -2.58
N CYS A 29 4.14 6.47 -1.72
CA CYS A 29 3.87 5.29 -0.92
C CYS A 29 2.60 5.45 -0.09
N TRP A 30 2.30 6.67 0.35
CA TRP A 30 1.09 6.90 1.14
C TRP A 30 -0.14 6.48 0.34
N ALA A 31 -0.12 6.79 -0.95
CA ALA A 31 -1.23 6.44 -1.85
C ALA A 31 -1.25 4.95 -2.15
N PHE A 32 -0.08 4.37 -2.38
CA PHE A 32 -0.03 2.95 -2.68
C PHE A 32 -0.45 2.03 -1.55
N GLY A 33 0.05 2.29 -0.34
CA GLY A 33 -0.34 1.45 0.77
C GLY A 33 -1.85 1.45 0.91
N ALA A 34 -2.46 2.61 0.65
CA ALA A 34 -3.91 2.76 0.76
C ALA A 34 -4.71 2.03 -0.33
N VAL A 35 -4.42 2.32 -1.60
CA VAL A 35 -5.16 1.67 -2.68
C VAL A 35 -4.96 0.16 -2.71
N GLU A 36 -3.82 -0.32 -2.24
CA GLU A 36 -3.56 -1.75 -2.21
C GLU A 36 -4.47 -2.43 -1.18
N ALA A 37 -4.47 -1.89 0.04
CA ALA A 37 -5.32 -2.43 1.10
C ALA A 37 -6.79 -2.26 0.76
N ILE A 38 -7.13 -1.15 0.12
CA ILE A 38 -8.51 -0.91 -0.27
C ILE A 38 -8.95 -1.94 -1.31
N SER A 39 -8.06 -2.24 -2.26
CA SER A 39 -8.36 -3.23 -3.28
C SER A 39 -8.65 -4.55 -2.57
N ASP A 40 -7.81 -4.90 -1.61
CA ASP A 40 -7.97 -6.14 -0.84
C ASP A 40 -9.32 -6.18 -0.13
N ARG A 41 -9.63 -5.10 0.58
CA ARG A 41 -10.88 -5.04 1.34
C ARG A 41 -12.14 -5.00 0.49
N ILE A 42 -12.07 -4.39 -0.69
CA ILE A 42 -13.24 -4.36 -1.57
C ILE A 42 -13.57 -5.80 -1.95
N CYS A 43 -12.54 -6.60 -2.20
CA CYS A 43 -12.74 -8.01 -2.56
C CYS A 43 -13.22 -8.81 -1.34
N ILE A 44 -12.59 -8.58 -0.20
CA ILE A 44 -12.95 -9.30 1.02
C ILE A 44 -14.38 -9.02 1.47
N HIS A 45 -14.81 -7.76 1.36
CA HIS A 45 -16.16 -7.41 1.76
C HIS A 45 -17.09 -7.11 0.58
N SER A 46 -17.18 -8.08 -0.33
CA SER A 46 -18.04 -7.97 -1.50
C SER A 46 -18.03 -9.32 -2.21
N ASN A 47 -17.75 -10.38 -1.45
CA ASN A 47 -17.72 -11.73 -1.98
C ASN A 47 -19.07 -12.40 -1.77
N VAL A 50 -16.62 -8.49 -5.68
CA VAL A 50 -15.99 -8.06 -6.92
C VAL A 50 -14.50 -7.78 -6.73
N ASN A 51 -13.73 -7.91 -7.80
CA ASN A 51 -12.30 -7.66 -7.72
C ASN A 51 -11.97 -6.41 -8.51
N VAL A 52 -11.36 -5.43 -7.84
CA VAL A 52 -11.00 -4.19 -8.49
C VAL A 52 -9.59 -3.71 -8.17
N GLU A 53 -8.85 -3.35 -9.23
CA GLU A 53 -7.52 -2.82 -9.06
C GLU A 53 -7.77 -1.34 -8.81
N VAL A 54 -7.78 -0.92 -7.55
CA VAL A 54 -8.02 0.48 -7.24
C VAL A 54 -6.87 1.32 -7.78
N SER A 55 -7.21 2.42 -8.44
CA SER A 55 -6.24 3.32 -9.05
C SER A 55 -5.37 4.15 -8.11
N ALA A 56 -4.07 3.87 -8.13
CA ALA A 56 -3.11 4.61 -7.33
C ALA A 56 -3.06 6.02 -7.93
N GLU A 57 -3.23 6.10 -9.24
CA GLU A 57 -3.20 7.36 -9.98
C GLU A 57 -4.30 8.32 -9.49
N ASP A 58 -5.50 7.79 -9.31
CA ASP A 58 -6.63 8.60 -8.88
C ASP A 58 -6.36 9.17 -7.48
N MET A 59 -5.86 8.31 -6.60
CA MET A 59 -5.56 8.72 -5.22
C MET A 59 -4.45 9.77 -5.22
N LEU A 60 -3.34 9.42 -5.86
CA LEU A 60 -2.15 10.25 -5.95
C LEU A 60 -2.39 11.65 -6.51
N THR A 61 -3.11 11.72 -7.62
CA THR A 61 -3.34 13.00 -8.29
C THR A 61 -4.55 13.84 -7.90
N CYS A 62 -5.65 13.20 -7.52
CA CYS A 62 -6.86 13.96 -7.20
C CYS A 62 -7.20 14.27 -5.75
N CYS A 63 -6.57 13.62 -4.78
CA CYS A 63 -6.93 13.92 -3.41
C CYS A 63 -6.58 15.36 -3.01
N GLY A 64 -5.38 15.81 -3.36
CA GLY A 64 -4.99 17.16 -3.02
C GLY A 64 -4.42 17.32 -1.62
N GLY A 65 -4.46 18.55 -1.11
CA GLY A 65 -3.92 18.86 0.20
C GLY A 65 -4.41 18.01 1.35
N GLU A 66 -5.65 17.54 1.27
CA GLU A 66 -6.21 16.70 2.33
C GLU A 66 -5.31 15.48 2.56
N CYS A 67 -4.59 15.06 1.52
CA CYS A 67 -3.69 13.89 1.63
C CYS A 67 -2.22 14.24 1.66
N GLY A 68 -1.90 15.54 1.66
CA GLY A 68 -0.50 15.90 1.69
C GLY A 68 -0.02 16.61 0.44
N ASP A 69 1.06 16.10 -0.16
CA ASP A 69 1.64 16.72 -1.34
C ASP A 69 2.07 15.80 -2.48
N GLY A 70 1.14 14.98 -2.96
CA GLY A 70 1.43 14.08 -4.07
C GLY A 70 2.73 13.29 -4.02
N CYS A 71 3.58 13.45 -5.03
CA CYS A 71 4.86 12.74 -5.08
C CYS A 71 5.86 13.22 -4.03
N ASN A 72 5.48 14.23 -3.26
CA ASN A 72 6.36 14.76 -2.21
C ASN A 72 6.03 14.16 -0.85
N GLY A 73 5.14 13.17 -0.84
CA GLY A 73 4.76 12.54 0.42
C GLY A 73 3.34 12.91 0.81
N GLY A 74 2.74 12.12 1.70
CA GLY A 74 1.37 12.40 2.10
C GLY A 74 0.95 11.77 3.41
N PHE A 75 -0.36 11.84 3.68
CA PHE A 75 -0.93 11.32 4.93
C PHE A 75 -1.85 10.13 4.68
N PRO A 76 -1.46 8.94 5.15
CA PRO A 76 -2.29 7.75 4.95
C PRO A 76 -3.76 7.90 5.36
N SER A 77 -4.02 8.41 6.55
CA SER A 77 -5.41 8.56 6.99
C SER A 77 -6.18 9.48 6.03
N GLY A 78 -5.46 10.42 5.41
CA GLY A 78 -6.11 11.32 4.48
C GLY A 78 -6.52 10.58 3.22
N ALA A 79 -5.75 9.56 2.86
CA ALA A 79 -6.04 8.77 1.66
C ALA A 79 -7.34 7.98 1.85
N TRP A 80 -7.50 7.35 3.01
CA TRP A 80 -8.72 6.58 3.26
C TRP A 80 -9.93 7.51 3.33
N ASN A 81 -9.70 8.75 3.76
CA ASN A 81 -10.79 9.74 3.82
C ASN A 81 -11.26 10.04 2.40
N PHE A 82 -10.31 10.21 1.49
CA PHE A 82 -10.63 10.50 0.10
C PHE A 82 -11.51 9.39 -0.46
N TRP A 83 -11.19 8.15 -0.11
CA TRP A 83 -11.96 7.00 -0.57
C TRP A 83 -13.42 7.09 -0.13
N THR A 84 -13.66 7.60 1.08
CA THR A 84 -15.03 7.72 1.58
C THR A 84 -15.72 8.98 1.07
N LYS A 85 -14.95 10.04 0.80
CA LYS A 85 -15.53 11.29 0.32
C LYS A 85 -15.75 11.39 -1.19
N LYS A 86 -14.70 11.10 -1.95
CA LYS A 86 -14.78 11.17 -3.41
C LYS A 86 -14.77 9.82 -4.10
N GLY A 87 -14.38 8.78 -3.37
CA GLY A 87 -14.33 7.45 -3.97
C GLY A 87 -13.11 7.31 -4.85
N LEU A 88 -12.85 6.09 -5.35
CA LEU A 88 -11.70 5.84 -6.20
C LEU A 88 -12.08 5.01 -7.42
N VAL A 89 -11.57 5.38 -8.59
CA VAL A 89 -11.86 4.62 -9.80
C VAL A 89 -10.85 3.48 -9.88
N SER A 90 -11.02 2.61 -10.87
CA SER A 90 -10.11 1.48 -11.05
C SER A 90 -8.90 1.94 -11.87
N GLY A 91 -7.82 1.16 -11.84
CA GLY A 91 -6.63 1.51 -12.58
C GLY A 91 -5.50 0.56 -12.23
N GLY A 92 -4.95 -0.11 -13.24
CA GLY A 92 -3.88 -1.06 -13.00
C GLY A 92 -2.46 -0.51 -13.10
N LEU A 93 -1.52 -1.41 -13.40
CA LEU A 93 -0.12 -1.07 -13.51
C LEU A 93 0.20 -0.19 -14.72
N TYR A 94 1.38 0.42 -14.69
CA TYR A 94 1.85 1.26 -15.77
C TYR A 94 1.82 0.48 -17.09
N ASN A 95 1.27 1.09 -18.12
CA ASN A 95 1.19 0.48 -19.45
C ASN A 95 0.37 -0.80 -19.52
N SER A 96 -0.49 -1.04 -18.54
CA SER A 96 -1.31 -2.24 -18.52
C SER A 96 -2.64 -2.01 -19.27
N HIS A 97 -3.04 -0.75 -19.34
CA HIS A 97 -4.29 -0.35 -19.99
C HIS A 97 -5.47 -0.99 -19.26
N VAL A 98 -5.25 -1.35 -18.00
CA VAL A 98 -6.30 -1.96 -17.18
C VAL A 98 -7.01 -0.91 -16.32
N GLY A 99 -8.33 -0.83 -16.45
CA GLY A 99 -9.08 0.11 -15.64
C GLY A 99 -9.18 1.53 -16.17
N CYS A 100 -9.89 2.36 -15.40
CA CYS A 100 -10.12 3.75 -15.75
C CYS A 100 -8.84 4.58 -15.80
N ARG A 101 -8.04 4.53 -14.74
CA ARG A 101 -6.80 5.30 -14.69
C ARG A 101 -5.59 4.49 -14.23
N PRO A 102 -4.91 3.81 -15.16
CA PRO A 102 -3.73 3.01 -14.84
C PRO A 102 -2.63 3.97 -14.37
N TYR A 103 -1.64 3.45 -13.65
CA TYR A 103 -0.56 4.28 -13.13
C TYR A 103 0.25 4.86 -14.30
N SER A 104 0.56 6.16 -14.23
CA SER A 104 1.29 6.83 -15.30
C SER A 104 2.79 6.98 -15.11
N ILE A 105 3.31 6.56 -13.96
CA ILE A 105 4.74 6.67 -13.70
C ILE A 105 5.40 5.31 -13.89
N PRO A 106 6.38 5.23 -14.79
CA PRO A 106 7.12 4.00 -15.11
C PRO A 106 7.78 3.27 -13.95
N PRO A 107 7.78 1.93 -13.99
CA PRO A 107 8.41 1.16 -12.91
C PRO A 107 9.93 1.38 -13.02
N CYS A 108 10.65 1.18 -11.92
CA CYS A 108 12.09 1.39 -11.93
C CYS A 108 12.77 0.49 -10.91
N GLU A 109 14.10 0.52 -10.85
CA GLU A 109 14.85 -0.31 -9.92
C GLU A 109 15.05 0.43 -8.60
N HIS A 110 14.48 -0.10 -7.53
CA HIS A 110 14.58 0.51 -6.20
C HIS A 110 15.70 -0.12 -5.38
N HIS A 111 16.86 0.53 -5.35
CA HIS A 111 18.01 0.07 -4.58
C HIS A 111 18.50 -1.34 -4.91
N VAL A 112 18.30 -1.74 -6.16
CA VAL A 112 18.74 -3.04 -6.63
C VAL A 112 19.08 -2.89 -8.11
N ASN A 113 19.84 -3.84 -8.66
CA ASN A 113 20.18 -3.79 -10.07
C ASN A 113 19.17 -4.64 -10.83
N GLY A 114 18.86 -4.23 -12.06
CA GLY A 114 17.90 -4.97 -12.86
C GLY A 114 17.81 -4.45 -14.28
N SER A 115 16.82 -4.93 -15.03
CA SER A 115 16.64 -4.52 -16.41
C SER A 115 15.92 -3.17 -16.56
N ARG A 116 15.26 -2.72 -15.50
CA ARG A 116 14.55 -1.44 -15.54
C ARG A 116 15.51 -0.29 -15.25
N PRO A 117 15.12 0.94 -15.61
CA PRO A 117 16.00 2.07 -15.34
C PRO A 117 16.03 2.30 -13.83
N PRO A 118 17.15 2.81 -13.30
CA PRO A 118 17.19 3.03 -11.86
C PRO A 118 16.22 4.15 -11.49
N CYS A 119 15.59 4.04 -10.32
CA CYS A 119 14.66 5.07 -9.88
C CYS A 119 15.42 6.37 -9.62
N THR A 120 14.74 7.48 -9.81
CA THR A 120 15.32 8.80 -9.58
C THR A 120 14.48 9.47 -8.50
N GLY A 121 15.12 10.25 -7.64
CA GLY A 121 14.39 10.92 -6.58
C GLY A 121 13.39 11.93 -7.10
N GLU A 122 13.66 12.48 -8.27
CA GLU A 122 12.79 13.48 -8.85
C GLU A 122 11.64 12.90 -9.67
N GLY A 123 10.42 13.28 -9.28
CA GLY A 123 9.23 12.83 -9.96
C GLY A 123 8.10 13.78 -9.61
N ASP A 124 7.45 14.36 -10.62
CA ASP A 124 6.37 15.30 -10.36
C ASP A 124 5.01 14.62 -10.29
N THR A 125 4.14 15.15 -9.45
CA THR A 125 2.80 14.60 -9.30
C THR A 125 2.05 14.81 -10.60
N PRO A 126 1.47 13.75 -11.17
CA PRO A 126 0.72 13.86 -12.43
C PRO A 126 -0.56 14.67 -12.21
N LYS A 127 -1.18 15.10 -13.30
CA LYS A 127 -2.41 15.88 -13.22
C LYS A 127 -3.60 15.05 -12.76
N CYS A 128 -4.54 15.71 -12.09
CA CYS A 128 -5.77 15.05 -11.65
C CYS A 128 -6.71 15.17 -12.85
N SER A 129 -6.83 14.09 -13.62
CA SER A 129 -7.70 14.07 -14.78
C SER A 129 -8.90 13.18 -14.47
N LYS A 130 -10.08 13.78 -14.40
CA LYS A 130 -11.30 13.04 -14.10
C LYS A 130 -11.92 12.41 -15.34
N THR A 131 -11.12 11.61 -16.04
CA THR A 131 -11.56 10.91 -17.24
C THR A 131 -10.88 9.54 -17.25
N CYS A 132 -11.43 8.60 -18.00
CA CYS A 132 -10.83 7.27 -18.07
C CYS A 132 -10.04 7.12 -19.37
N GLU A 133 -9.18 6.11 -19.41
CA GLU A 133 -8.39 5.86 -20.61
C GLU A 133 -9.36 5.59 -21.76
N PRO A 134 -8.89 5.81 -23.00
CA PRO A 134 -9.78 5.57 -24.14
C PRO A 134 -10.18 4.10 -24.25
N GLY A 135 -11.45 3.84 -24.56
CA GLY A 135 -11.92 2.48 -24.69
C GLY A 135 -12.52 1.88 -23.43
N TYR A 136 -12.24 2.49 -22.28
CA TYR A 136 -12.77 1.97 -21.02
C TYR A 136 -14.17 2.48 -20.67
N SER A 137 -14.98 1.60 -20.08
CA SER A 137 -16.34 1.93 -19.66
C SER A 137 -16.51 1.35 -18.25
N PRO A 138 -17.31 2.01 -17.39
CA PRO A 138 -18.09 3.24 -17.63
C PRO A 138 -17.27 4.52 -17.48
N SER A 139 -17.98 5.64 -17.32
CA SER A 139 -17.35 6.95 -17.17
C SER A 139 -16.58 7.02 -15.87
N TYR A 140 -15.73 8.04 -15.75
CA TYR A 140 -14.93 8.24 -14.55
C TYR A 140 -15.84 8.27 -13.33
N LYS A 141 -16.88 9.09 -13.39
CA LYS A 141 -17.82 9.22 -12.28
C LYS A 141 -18.50 7.90 -11.91
N GLU A 142 -18.92 7.14 -12.93
CA GLU A 142 -19.58 5.87 -12.71
C GLU A 142 -18.65 4.77 -12.22
N ASP A 143 -17.34 4.95 -12.41
CA ASP A 143 -16.37 3.94 -12.02
C ASP A 143 -15.85 4.11 -10.59
N LYS A 144 -16.37 5.12 -9.88
CA LYS A 144 -15.96 5.38 -8.51
C LYS A 144 -16.43 4.33 -7.50
N HIS A 145 -15.52 3.90 -6.63
CA HIS A 145 -15.83 2.94 -5.57
C HIS A 145 -15.65 3.69 -4.27
N PHE A 146 -16.71 3.73 -3.45
CA PHE A 146 -16.64 4.46 -2.20
C PHE A 146 -16.44 3.63 -0.94
N GLY A 147 -15.76 4.23 0.02
CA GLY A 147 -15.54 3.60 1.31
C GLY A 147 -16.63 4.19 2.18
N CYS A 148 -17.07 3.46 3.19
CA CYS A 148 -18.11 3.99 4.05
C CYS A 148 -17.62 4.30 5.47
N SER A 149 -16.32 4.12 5.69
CA SER A 149 -15.72 4.43 6.98
C SER A 149 -14.21 4.52 6.81
N SER A 150 -13.60 5.40 7.59
CA SER A 150 -12.16 5.63 7.56
C SER A 150 -11.77 5.83 9.02
N TYR A 151 -10.89 4.96 9.53
CA TYR A 151 -10.50 5.05 10.93
C TYR A 151 -9.03 4.71 11.17
N SER A 152 -8.58 4.98 12.40
CA SER A 152 -7.21 4.72 12.81
C SER A 152 -7.17 3.65 13.89
N VAL A 153 -6.34 2.64 13.71
CA VAL A 153 -6.22 1.57 14.69
C VAL A 153 -5.15 1.98 15.70
N ALA A 154 -5.43 1.73 16.97
CA ALA A 154 -4.51 2.09 18.04
C ALA A 154 -3.15 1.40 17.95
N ASN A 155 -2.16 2.01 18.59
CA ASN A 155 -0.80 1.49 18.63
C ASN A 155 -0.86 0.34 19.64
N ASN A 156 -1.51 -0.74 19.22
CA ASN A 156 -1.71 -1.90 20.08
C ASN A 156 -1.64 -3.15 19.22
N GLU A 157 -0.57 -3.92 19.42
CA GLU A 157 -0.33 -5.16 18.67
C GLU A 157 -1.56 -6.05 18.50
N LYS A 158 -2.20 -6.37 19.61
CA LYS A 158 -3.38 -7.22 19.58
C LYS A 158 -4.53 -6.62 18.76
N GLU A 159 -4.80 -5.34 18.96
CA GLU A 159 -5.86 -4.68 18.21
C GLU A 159 -5.56 -4.67 16.71
N ILE A 160 -4.29 -4.49 16.37
CA ILE A 160 -3.89 -4.46 14.97
C ILE A 160 -4.07 -5.85 14.36
N MET A 161 -3.68 -6.88 15.11
CA MET A 161 -3.82 -8.24 14.62
C MET A 161 -5.30 -8.59 14.44
N ALA A 162 -6.13 -8.19 15.41
CA ALA A 162 -7.56 -8.46 15.35
C ALA A 162 -8.22 -7.77 14.16
N GLU A 163 -7.78 -6.56 13.85
CA GLU A 163 -8.32 -5.80 12.73
C GLU A 163 -8.01 -6.50 11.40
N ILE A 164 -6.76 -6.94 11.24
CA ILE A 164 -6.35 -7.63 10.04
C ILE A 164 -7.10 -8.96 9.95
N TYR A 165 -7.10 -9.70 11.04
CA TYR A 165 -7.75 -11.00 11.12
C TYR A 165 -9.21 -10.94 10.69
N LYS A 166 -9.91 -9.90 11.11
CA LYS A 166 -11.32 -9.74 10.80
C LYS A 166 -11.64 -9.01 9.49
N ASN A 167 -10.99 -7.88 9.27
CA ASN A 167 -11.28 -7.06 8.11
C ASN A 167 -10.29 -7.03 6.95
N GLY A 168 -9.14 -7.67 7.10
CA GLY A 168 -8.18 -7.68 6.02
C GLY A 168 -6.99 -6.76 6.21
N PRO A 169 -6.07 -6.71 5.23
CA PRO A 169 -4.87 -5.87 5.29
C PRO A 169 -5.15 -4.40 5.61
N VAL A 170 -4.20 -3.77 6.29
CA VAL A 170 -4.31 -2.37 6.67
C VAL A 170 -3.09 -1.63 6.12
N GLU A 171 -3.09 -0.30 6.24
CA GLU A 171 -1.96 0.48 5.79
C GLU A 171 -1.24 0.95 7.04
N GLY A 172 0.09 1.01 6.96
CA GLY A 172 0.87 1.46 8.10
C GLY A 172 2.04 2.28 7.60
N ALA A 173 2.87 2.75 8.52
CA ALA A 173 4.04 3.53 8.15
C ALA A 173 5.12 3.36 9.20
N PHE A 174 6.37 3.52 8.79
CA PHE A 174 7.49 3.38 9.70
C PHE A 174 8.66 4.24 9.21
N SER A 175 9.62 4.48 10.10
CA SER A 175 10.80 5.26 9.77
C SER A 175 11.82 4.38 9.06
N VAL A 176 12.23 4.81 7.87
CA VAL A 176 13.20 4.06 7.09
C VAL A 176 14.61 4.59 7.29
N TYR A 177 15.52 3.69 7.66
CA TYR A 177 16.93 4.04 7.82
C TYR A 177 17.60 3.27 6.69
N SER A 178 18.79 3.72 6.28
CA SER A 178 19.46 3.09 5.16
C SER A 178 19.66 1.57 5.20
N ASP A 179 19.78 0.97 6.38
CA ASP A 179 19.98 -0.48 6.40
C ASP A 179 18.77 -1.26 5.90
N PHE A 180 17.61 -0.62 5.88
CA PHE A 180 16.40 -1.27 5.40
C PHE A 180 16.42 -1.42 3.87
N LEU A 181 17.07 -0.47 3.21
CA LEU A 181 17.14 -0.46 1.75
C LEU A 181 17.71 -1.74 1.13
N LEU A 182 18.59 -2.42 1.86
CA LEU A 182 19.22 -3.64 1.36
C LEU A 182 18.56 -4.93 1.84
N TYR A 183 17.40 -4.82 2.47
CA TYR A 183 16.69 -6.00 2.97
C TYR A 183 16.53 -7.08 1.90
N LYS A 184 16.74 -8.32 2.30
CA LYS A 184 16.60 -9.45 1.38
C LYS A 184 15.72 -10.55 1.99
N SER A 185 15.92 -10.82 3.28
CA SER A 185 15.15 -11.86 3.96
C SER A 185 15.24 -11.73 5.47
N GLY A 186 14.52 -12.62 6.17
CA GLY A 186 14.53 -12.60 7.61
C GLY A 186 13.65 -11.51 8.19
N VAL A 187 13.76 -11.31 9.50
CA VAL A 187 12.98 -10.28 10.18
C VAL A 187 13.82 -9.03 10.34
N TYR A 188 13.42 -7.95 9.67
CA TYR A 188 14.16 -6.70 9.75
C TYR A 188 14.14 -6.03 11.11
N GLN A 189 15.31 -5.62 11.55
CA GLN A 189 15.49 -4.90 12.80
C GLN A 189 16.54 -3.83 12.49
N HIS A 190 16.21 -2.59 12.76
CA HIS A 190 17.09 -1.45 12.50
C HIS A 190 18.32 -1.42 13.42
N VAL A 191 19.50 -1.42 12.82
CA VAL A 191 20.73 -1.38 13.61
C VAL A 191 21.66 -0.24 13.17
N SER A 192 21.57 0.19 11.91
CA SER A 192 22.44 1.26 11.44
C SER A 192 21.88 2.00 10.23
N GLY A 193 22.51 3.12 9.89
CA GLY A 193 22.09 3.88 8.72
C GLY A 193 21.41 5.21 8.98
N GLU A 194 21.63 6.17 8.09
CA GLU A 194 21.03 7.49 8.22
C GLU A 194 19.53 7.37 7.96
N ILE A 195 18.75 8.22 8.62
CA ILE A 195 17.30 8.21 8.45
C ILE A 195 16.96 8.68 7.04
N MET A 196 16.06 7.95 6.38
CA MET A 196 15.65 8.28 5.02
C MET A 196 14.31 9.02 5.00
N GLY A 197 13.48 8.77 6.01
CA GLY A 197 12.18 9.40 6.09
C GLY A 197 11.09 8.38 6.36
N GLY A 198 9.85 8.85 6.44
CA GLY A 198 8.74 7.94 6.71
C GLY A 198 8.36 7.19 5.45
N HIS A 199 7.81 6.00 5.61
CA HIS A 199 7.44 5.19 4.46
C HIS A 199 6.17 4.41 4.76
N ALA A 200 5.14 4.59 3.93
CA ALA A 200 3.87 3.91 4.12
C ALA A 200 3.87 2.58 3.36
N ILE A 201 3.28 1.56 3.98
CA ILE A 201 3.23 0.23 3.39
C ILE A 201 1.93 -0.50 3.72
N ARG A 202 1.80 -1.74 3.25
CA ARG A 202 0.61 -2.55 3.51
C ARG A 202 0.96 -3.75 4.40
N ILE A 203 0.29 -3.86 5.54
CA ILE A 203 0.52 -4.98 6.46
C ILE A 203 -0.58 -6.00 6.22
N LEU A 204 -0.19 -7.21 5.83
CA LEU A 204 -1.17 -8.25 5.52
C LEU A 204 -1.09 -9.52 6.37
N GLY A 205 -0.33 -9.47 7.46
CA GLY A 205 -0.23 -10.66 8.30
C GLY A 205 0.86 -10.58 9.32
N TRP A 206 1.13 -11.72 9.96
CA TRP A 206 2.14 -11.80 11.00
C TRP A 206 2.57 -13.24 11.21
N GLY A 207 3.66 -13.43 11.92
CA GLY A 207 4.15 -14.77 12.18
C GLY A 207 5.33 -14.70 13.13
N VAL A 208 6.05 -15.81 13.23
CA VAL A 208 7.23 -15.87 14.08
C VAL A 208 8.31 -16.62 13.32
N GLU A 209 9.49 -16.02 13.25
CA GLU A 209 10.61 -16.64 12.55
C GLU A 209 11.80 -16.74 13.49
N ASN A 210 12.21 -17.97 13.78
CA ASN A 210 13.33 -18.22 14.68
C ASN A 210 13.10 -17.55 16.03
N GLY A 211 11.85 -17.57 16.49
CA GLY A 211 11.52 -17.00 17.78
C GLY A 211 11.29 -15.49 17.77
N THR A 212 11.41 -14.88 16.60
CA THR A 212 11.21 -13.44 16.47
C THR A 212 9.86 -13.12 15.84
N PRO A 213 8.97 -12.45 16.59
CA PRO A 213 7.64 -12.10 16.08
C PRO A 213 7.78 -11.04 14.99
N TYR A 214 6.95 -11.15 13.95
CA TYR A 214 7.05 -10.19 12.87
C TYR A 214 5.73 -9.86 12.19
N TRP A 215 5.76 -8.80 11.38
CA TRP A 215 4.62 -8.36 10.60
C TRP A 215 4.97 -8.70 9.15
N LEU A 216 4.01 -9.23 8.41
CA LEU A 216 4.21 -9.57 7.00
C LEU A 216 3.83 -8.30 6.25
N VAL A 217 4.78 -7.73 5.53
CA VAL A 217 4.54 -6.47 4.83
C VAL A 217 4.82 -6.45 3.33
N GLY A 218 3.96 -5.75 2.58
CA GLY A 218 4.15 -5.63 1.15
C GLY A 218 4.64 -4.23 0.85
N ASN A 219 5.80 -4.12 0.23
CA ASN A 219 6.37 -2.81 -0.12
C ASN A 219 5.89 -2.49 -1.54
N SER A 220 6.13 -1.25 -1.98
CA SER A 220 5.72 -0.84 -3.32
C SER A 220 6.94 -0.49 -4.19
N TRP A 221 7.96 -1.34 -4.12
CA TRP A 221 9.18 -1.14 -4.89
C TRP A 221 9.43 -2.28 -5.88
N ASN A 222 8.34 -2.82 -6.42
CA ASN A 222 8.38 -3.92 -7.37
C ASN A 222 8.81 -5.23 -6.73
N THR A 223 8.81 -6.30 -7.52
CA THR A 223 9.15 -7.63 -7.03
C THR A 223 10.62 -8.01 -6.93
N ASP A 224 11.52 -7.24 -7.53
CA ASP A 224 12.94 -7.61 -7.43
C ASP A 224 13.62 -6.97 -6.22
N TRP A 225 12.86 -6.25 -5.40
CA TRP A 225 13.40 -5.66 -4.18
C TRP A 225 12.96 -6.54 -3.02
N GLY A 226 13.82 -6.71 -2.03
CA GLY A 226 13.48 -7.50 -0.86
C GLY A 226 13.15 -8.96 -1.16
N ASP A 227 12.15 -9.48 -0.44
CA ASP A 227 11.71 -10.87 -0.60
C ASP A 227 10.52 -10.90 -1.56
N ASN A 228 10.81 -10.86 -2.85
CA ASN A 228 9.76 -10.85 -3.88
C ASN A 228 8.83 -9.66 -3.70
N GLY A 229 9.38 -8.56 -3.17
CA GLY A 229 8.58 -7.37 -2.96
C GLY A 229 8.06 -7.21 -1.54
N PHE A 230 8.08 -8.30 -0.78
CA PHE A 230 7.61 -8.30 0.61
C PHE A 230 8.79 -8.24 1.56
N PHE A 231 8.50 -8.02 2.83
CA PHE A 231 9.51 -8.00 3.87
C PHE A 231 8.84 -8.26 5.20
N LYS A 232 9.64 -8.67 6.19
CA LYS A 232 9.13 -8.94 7.52
C LYS A 232 9.85 -7.96 8.45
N ILE A 233 9.13 -7.41 9.41
CA ILE A 233 9.72 -6.47 10.35
C ILE A 233 9.28 -6.83 11.77
N LEU A 234 10.17 -6.58 12.73
CA LEU A 234 9.91 -6.89 14.13
C LEU A 234 8.54 -6.40 14.58
N ARG A 235 7.80 -7.28 15.26
CA ARG A 235 6.46 -6.98 15.75
C ARG A 235 6.38 -6.95 17.27
N GLY A 236 5.55 -6.06 17.81
CA GLY A 236 5.36 -5.98 19.25
C GLY A 236 6.13 -4.92 20.03
N GLN A 237 7.07 -4.24 19.38
CA GLN A 237 7.88 -3.22 20.05
C GLN A 237 7.74 -1.86 19.37
N ASP A 238 6.72 -1.71 18.54
CA ASP A 238 6.52 -0.47 17.77
C ASP A 238 7.85 -0.09 17.16
N HIS A 239 8.55 -1.10 16.65
CA HIS A 239 9.85 -0.91 16.04
C HIS A 239 9.79 0.02 14.84
N CYS A 240 10.57 1.10 14.89
CA CYS A 240 10.59 2.11 13.82
C CYS A 240 9.21 2.74 13.63
N GLY A 241 8.35 2.57 14.64
CA GLY A 241 7.01 3.11 14.58
C GLY A 241 6.02 2.33 13.74
N ILE A 242 6.36 1.07 13.43
CA ILE A 242 5.53 0.21 12.60
C ILE A 242 4.09 0.02 13.10
N GLU A 243 3.88 0.19 14.41
CA GLU A 243 2.53 0.05 14.99
C GLU A 243 1.90 1.40 15.35
N SER A 244 2.60 2.49 15.05
CA SER A 244 2.12 3.82 15.43
C SER A 244 1.22 4.59 14.46
N GLU A 245 1.06 4.11 13.24
CA GLU A 245 0.25 4.83 12.27
C GLU A 245 -0.59 3.90 11.39
N ILE A 246 -1.31 2.99 12.04
CA ILE A 246 -2.16 2.03 11.33
C ILE A 246 -3.51 2.65 10.98
N VAL A 247 -3.90 2.56 9.71
CA VAL A 247 -5.17 3.12 9.27
C VAL A 247 -5.89 2.13 8.35
N ALA A 248 -7.21 2.23 8.32
CA ALA A 248 -8.00 1.33 7.48
C ALA A 248 -9.39 1.92 7.30
N GLY A 249 -10.30 1.10 6.80
CA GLY A 249 -11.66 1.54 6.56
C GLY A 249 -12.44 0.40 5.93
N MET A 250 -13.75 0.60 5.81
CA MET A 250 -14.62 -0.42 5.24
C MET A 250 -15.35 0.09 4.00
N PRO A 251 -15.47 -0.76 2.97
CA PRO A 251 -16.16 -0.32 1.75
C PRO A 251 -17.67 -0.26 1.96
N CYS A 252 -18.33 0.59 1.18
CA CYS A 252 -19.78 0.70 1.28
C CYS A 252 -20.34 -0.59 0.71
N THR A 253 -21.49 -1.02 1.21
CA THR A 253 -22.13 -2.24 0.74
C THR A 253 -23.38 -1.95 -0.06
#